data_1BUY
#
_entry.id   1BUY
#
_cell.length_a   1.000
_cell.length_b   1.000
_cell.length_c   1.000
_cell.angle_alpha   90.00
_cell.angle_beta   90.00
_cell.angle_gamma   90.00
#
_symmetry.space_group_name_H-M   'P 1'
#
_entity_poly.entity_id   1
_entity_poly.type   'polypeptide(L)'
_entity_poly.pdbx_seq_one_letter_code
;APPRLICDSRVLERYLLEAKEAEKITTGCAEHCSLNEKITVPDTKVNFYAWKRMEVGQQAVEVWQGLALLSEAVLRGQAL
LVKSSQPWEPLQLHVDKAVSGLRSLTTLLRALGAQKEAISPPDAASAAPLRTITADTFRKLFRVYSNFLRGKLKLYTGEA
CRTGDR
;
_entity_poly.pdbx_strand_id   A
#
# COMPACT_ATOMS: atom_id res chain seq x y z
N ALA A 1 9.36 -14.16 -23.04
CA ALA A 1 9.48 -14.62 -21.59
C ALA A 1 8.15 -13.90 -21.03
N PRO A 2 7.86 -14.11 -19.76
CA PRO A 2 6.68 -13.52 -19.09
C PRO A 2 6.84 -11.98 -18.96
N PRO A 3 5.85 -11.30 -18.40
CA PRO A 3 5.87 -9.81 -18.20
C PRO A 3 6.84 -9.32 -17.09
N ARG A 4 7.92 -10.04 -16.97
CA ARG A 4 9.00 -9.74 -15.96
C ARG A 4 8.44 -9.87 -14.52
N LEU A 5 9.23 -9.47 -13.56
CA LEU A 5 8.81 -9.55 -12.11
C LEU A 5 7.85 -8.36 -11.86
N ILE A 6 8.06 -7.56 -10.84
CA ILE A 6 7.09 -6.45 -10.69
C ILE A 6 7.24 -5.37 -11.77
N CYS A 7 8.14 -5.58 -12.74
CA CYS A 7 8.37 -4.57 -13.84
C CYS A 7 7.22 -4.61 -14.87
N ASP A 8 6.28 -5.40 -14.44
CA ASP A 8 5.03 -5.66 -15.19
C ASP A 8 4.16 -4.46 -14.87
N SER A 9 4.23 -3.54 -15.79
CA SER A 9 3.44 -2.30 -15.62
C SER A 9 1.99 -2.70 -15.54
N ARG A 10 1.53 -3.57 -16.40
CA ARG A 10 0.09 -3.99 -16.34
C ARG A 10 -0.39 -4.24 -14.90
N VAL A 11 0.44 -4.85 -14.11
CA VAL A 11 0.09 -5.15 -12.70
C VAL A 11 0.03 -3.84 -11.85
N LEU A 12 1.13 -3.15 -11.77
CA LEU A 12 1.17 -1.87 -10.97
C LEU A 12 0.21 -0.82 -11.47
N GLU A 13 0.20 -0.65 -12.77
CA GLU A 13 -0.67 0.33 -13.47
C GLU A 13 -2.07 -0.01 -12.98
N ARG A 14 -2.35 -1.28 -13.02
CA ARG A 14 -3.66 -1.78 -12.57
C ARG A 14 -3.93 -1.27 -11.14
N TYR A 15 -2.91 -1.19 -10.31
CA TYR A 15 -3.16 -0.68 -8.91
C TYR A 15 -3.73 0.75 -8.99
N LEU A 16 -3.14 1.52 -9.85
CA LEU A 16 -3.57 2.95 -10.06
C LEU A 16 -5.02 3.00 -10.58
N LEU A 17 -5.28 2.18 -11.56
CA LEU A 17 -6.62 2.06 -12.22
C LEU A 17 -7.66 1.75 -11.13
N GLU A 18 -7.32 0.78 -10.31
CA GLU A 18 -8.23 0.38 -9.21
C GLU A 18 -8.38 1.53 -8.22
N ALA A 19 -7.30 1.91 -7.56
CA ALA A 19 -7.39 3.05 -6.58
C ALA A 19 -8.15 4.24 -7.16
N LYS A 20 -8.16 4.30 -8.47
CA LYS A 20 -8.86 5.40 -9.18
C LYS A 20 -10.37 5.23 -8.87
N GLU A 21 -10.87 4.12 -9.38
CA GLU A 21 -12.32 3.75 -9.21
C GLU A 21 -12.65 3.86 -7.70
N ALA A 22 -11.78 3.32 -6.89
CA ALA A 22 -11.95 3.33 -5.40
C ALA A 22 -12.12 4.79 -4.90
N GLU A 23 -11.19 5.63 -5.26
CA GLU A 23 -11.20 7.07 -4.87
C GLU A 23 -12.52 7.74 -5.22
N LYS A 24 -12.98 7.52 -6.43
CA LYS A 24 -14.27 8.14 -6.87
C LYS A 24 -15.28 8.08 -5.69
N ILE A 25 -15.58 6.88 -5.28
CA ILE A 25 -16.54 6.73 -4.14
C ILE A 25 -16.03 7.38 -2.81
N THR A 26 -14.76 7.33 -2.44
CA THR A 26 -14.31 7.99 -1.15
C THR A 26 -14.31 9.52 -1.31
N THR A 27 -14.60 9.96 -2.50
CA THR A 27 -14.65 11.41 -2.85
C THR A 27 -15.99 11.71 -3.56
N GLY A 28 -16.97 10.88 -3.29
CA GLY A 28 -18.33 11.04 -3.90
C GLY A 28 -19.45 10.72 -2.89
N CYS A 29 -19.14 9.93 -1.88
CA CYS A 29 -20.16 9.55 -0.84
C CYS A 29 -20.71 10.78 -0.10
N ALA A 30 -21.46 10.55 0.95
CA ALA A 30 -22.05 11.69 1.74
C ALA A 30 -21.91 11.42 3.25
N GLU A 31 -21.65 10.19 3.61
CA GLU A 31 -21.49 9.80 5.05
C GLU A 31 -20.35 8.78 5.25
N HIS A 32 -20.40 7.71 4.50
CA HIS A 32 -19.36 6.64 4.59
C HIS A 32 -18.02 7.21 4.11
N CYS A 33 -17.05 6.35 4.01
CA CYS A 33 -15.71 6.73 3.56
C CYS A 33 -15.20 8.01 4.29
N SER A 34 -15.72 8.31 5.46
CA SER A 34 -15.29 9.53 6.22
C SER A 34 -15.69 9.54 7.71
N LEU A 35 -15.47 8.43 8.37
CA LEU A 35 -15.80 8.28 9.84
C LEU A 35 -15.09 9.34 10.76
N ASN A 36 -14.79 8.99 11.99
CA ASN A 36 -14.11 9.92 12.95
C ASN A 36 -12.98 9.17 13.72
N GLU A 37 -12.32 8.23 13.06
CA GLU A 37 -11.21 7.44 13.67
C GLU A 37 -9.95 8.30 13.81
N LYS A 38 -8.84 7.62 13.79
CA LYS A 38 -7.52 8.30 13.93
C LYS A 38 -6.36 7.38 13.48
N ILE A 39 -6.46 6.84 12.28
CA ILE A 39 -5.39 5.96 11.80
C ILE A 39 -4.26 6.58 11.08
N THR A 40 -3.09 6.16 11.42
CA THR A 40 -1.99 6.77 10.72
C THR A 40 -2.00 6.37 9.23
N VAL A 41 -1.17 7.00 8.45
CA VAL A 41 -1.05 6.74 6.98
C VAL A 41 0.44 6.96 6.52
N PRO A 42 1.00 6.03 5.76
CA PRO A 42 2.40 6.16 5.28
C PRO A 42 2.62 7.45 4.47
N ASP A 43 3.82 7.95 4.54
CA ASP A 43 4.17 9.21 3.81
C ASP A 43 4.85 8.81 2.50
N THR A 44 4.11 9.00 1.43
CA THR A 44 4.61 8.67 0.07
C THR A 44 5.63 9.73 -0.40
N LYS A 45 5.83 10.76 0.40
CA LYS A 45 6.77 11.88 0.10
C LYS A 45 8.23 11.44 -0.14
N VAL A 46 8.51 10.17 0.03
CA VAL A 46 9.89 9.63 -0.17
C VAL A 46 10.46 10.11 -1.53
N ASN A 47 11.75 10.06 -1.65
CA ASN A 47 12.43 10.49 -2.91
C ASN A 47 13.63 9.58 -3.20
N PHE A 48 14.08 9.62 -4.42
CA PHE A 48 15.24 8.78 -4.86
C PHE A 48 16.47 9.02 -3.95
N TYR A 49 16.56 10.24 -3.45
CA TYR A 49 17.69 10.61 -2.56
C TYR A 49 17.71 9.80 -1.25
N ALA A 50 16.73 10.05 -0.43
CA ALA A 50 16.62 9.34 0.87
C ALA A 50 16.30 7.85 0.66
N TRP A 51 16.00 7.51 -0.58
CA TRP A 51 15.68 6.09 -0.91
C TRP A 51 16.94 5.29 -1.23
N LYS A 52 17.90 5.99 -1.79
CA LYS A 52 19.23 5.42 -2.19
C LYS A 52 20.04 4.86 -1.01
N ARG A 53 19.68 5.32 0.17
CA ARG A 53 20.35 4.90 1.41
C ARG A 53 19.70 3.60 1.89
N MET A 54 19.42 2.77 0.93
CA MET A 54 18.79 1.46 1.11
C MET A 54 19.18 0.69 -0.17
N GLU A 55 20.14 -0.16 0.07
CA GLU A 55 20.73 -1.05 -0.97
C GLU A 55 19.60 -2.00 -1.38
N VAL A 56 19.70 -2.62 -2.53
CA VAL A 56 18.63 -3.56 -3.02
C VAL A 56 17.96 -4.38 -1.87
N GLY A 57 18.74 -5.08 -1.09
CA GLY A 57 18.16 -5.90 0.03
C GLY A 57 17.29 -5.03 0.96
N GLN A 58 17.94 -4.10 1.63
CA GLN A 58 17.24 -3.17 2.58
C GLN A 58 16.04 -2.45 1.93
N GLN A 59 16.21 -2.06 0.70
CA GLN A 59 15.16 -1.36 -0.10
C GLN A 59 13.88 -2.19 0.03
N ALA A 60 14.01 -3.46 -0.28
CA ALA A 60 12.83 -4.37 -0.20
C ALA A 60 12.29 -4.33 1.24
N VAL A 61 13.17 -4.39 2.22
CA VAL A 61 12.70 -4.35 3.63
C VAL A 61 11.88 -3.06 3.87
N GLU A 62 12.28 -2.00 3.21
CA GLU A 62 11.55 -0.69 3.38
C GLU A 62 10.11 -0.77 2.84
N VAL A 63 9.96 -1.22 1.61
CA VAL A 63 8.59 -1.33 0.99
C VAL A 63 7.76 -2.21 1.95
N TRP A 64 8.43 -3.21 2.47
CA TRP A 64 7.78 -4.18 3.42
C TRP A 64 7.26 -3.47 4.70
N GLN A 65 7.84 -2.35 5.06
CA GLN A 65 7.34 -1.66 6.29
C GLN A 65 6.06 -0.96 5.84
N GLY A 66 6.15 -0.42 4.65
CA GLY A 66 4.98 0.29 4.07
C GLY A 66 3.74 -0.60 3.94
N LEU A 67 3.85 -1.75 3.31
CA LEU A 67 2.64 -2.61 3.19
C LEU A 67 2.15 -3.14 4.54
N ALA A 68 3.08 -3.34 5.43
CA ALA A 68 2.75 -3.85 6.78
C ALA A 68 1.93 -2.83 7.52
N LEU A 69 2.22 -1.59 7.21
CA LEU A 69 1.47 -0.50 7.88
C LEU A 69 0.03 -0.55 7.48
N LEU A 70 -0.04 -0.46 6.19
CA LEU A 70 -1.33 -0.48 5.51
C LEU A 70 -2.08 -1.74 5.88
N SER A 71 -1.40 -2.85 6.08
CA SER A 71 -2.11 -4.10 6.44
C SER A 71 -3.03 -3.75 7.64
N GLU A 72 -2.44 -3.26 8.70
CA GLU A 72 -3.19 -2.86 9.93
C GLU A 72 -4.25 -1.76 9.74
N ALA A 73 -3.85 -0.66 9.15
CA ALA A 73 -4.79 0.47 8.91
C ALA A 73 -6.03 -0.04 8.17
N VAL A 74 -5.78 -0.72 7.09
CA VAL A 74 -6.85 -1.31 6.23
C VAL A 74 -7.63 -2.39 7.01
N LEU A 75 -6.96 -3.13 7.87
CA LEU A 75 -7.68 -4.19 8.64
C LEU A 75 -8.73 -3.55 9.54
N ARG A 76 -8.30 -2.62 10.33
CA ARG A 76 -9.27 -1.93 11.25
C ARG A 76 -10.31 -1.32 10.36
N GLY A 77 -9.88 -0.63 9.33
CA GLY A 77 -10.82 0.03 8.39
C GLY A 77 -11.97 -0.92 8.03
N GLN A 78 -11.68 -2.18 7.84
CA GLN A 78 -12.72 -3.16 7.49
C GLN A 78 -13.60 -3.43 8.72
N ALA A 79 -12.94 -3.65 9.81
CA ALA A 79 -13.56 -3.93 11.12
C ALA A 79 -14.48 -2.90 11.69
N LEU A 80 -13.95 -1.75 11.91
CA LEU A 80 -14.86 -0.68 12.49
C LEU A 80 -16.21 -0.60 11.82
N LEU A 81 -16.26 -0.26 10.58
CA LEU A 81 -17.57 -0.18 9.92
C LEU A 81 -18.31 -1.55 9.93
N VAL A 82 -17.61 -2.67 9.94
CA VAL A 82 -18.33 -3.99 9.95
C VAL A 82 -19.11 -4.27 11.26
N LYS A 83 -18.38 -4.07 12.33
CA LYS A 83 -18.88 -4.26 13.74
C LYS A 83 -19.80 -3.13 14.15
N SER A 84 -19.37 -1.91 13.88
CA SER A 84 -20.22 -0.74 14.25
C SER A 84 -21.44 -0.70 13.30
N SER A 85 -21.99 0.47 13.11
CA SER A 85 -23.18 0.62 12.21
C SER A 85 -22.76 1.04 10.80
N GLN A 86 -22.35 2.28 10.71
CA GLN A 86 -21.90 2.90 9.44
C GLN A 86 -22.89 2.58 8.30
N PRO A 87 -23.96 3.35 8.20
CA PRO A 87 -25.00 3.16 7.15
C PRO A 87 -24.42 3.37 5.74
N TRP A 88 -25.21 3.85 4.81
CA TRP A 88 -24.70 4.08 3.42
C TRP A 88 -24.46 2.71 2.76
N GLU A 89 -24.33 2.74 1.45
CA GLU A 89 -24.09 1.48 0.68
C GLU A 89 -22.88 0.68 1.22
N PRO A 90 -22.83 -0.61 0.97
CA PRO A 90 -21.71 -1.46 1.47
C PRO A 90 -20.36 -0.91 0.94
N LEU A 91 -19.68 -0.20 1.81
CA LEU A 91 -18.36 0.38 1.44
C LEU A 91 -17.31 -0.74 1.55
N GLN A 92 -17.41 -1.50 2.61
CA GLN A 92 -16.46 -2.64 2.87
C GLN A 92 -16.15 -3.49 1.64
N LEU A 93 -17.09 -3.62 0.71
CA LEU A 93 -16.86 -4.43 -0.51
C LEU A 93 -15.47 -4.00 -1.04
N HIS A 94 -15.32 -2.73 -1.26
CA HIS A 94 -14.03 -2.14 -1.77
C HIS A 94 -12.86 -2.45 -0.82
N VAL A 95 -13.10 -2.40 0.46
CA VAL A 95 -12.00 -2.68 1.43
C VAL A 95 -11.52 -4.13 1.27
N ASP A 96 -12.23 -4.90 0.49
CA ASP A 96 -11.80 -6.32 0.31
C ASP A 96 -10.92 -6.41 -0.92
N LYS A 97 -11.28 -5.60 -1.87
CA LYS A 97 -10.50 -5.59 -3.13
C LYS A 97 -9.13 -4.98 -2.80
N ALA A 98 -9.16 -3.80 -2.22
CA ALA A 98 -7.91 -3.08 -1.85
C ALA A 98 -7.06 -4.02 -0.99
N VAL A 99 -7.76 -4.75 -0.14
CA VAL A 99 -7.03 -5.71 0.76
C VAL A 99 -6.25 -6.73 -0.05
N SER A 100 -6.94 -7.36 -0.98
CA SER A 100 -6.28 -8.38 -1.84
C SER A 100 -5.06 -7.79 -2.54
N GLY A 101 -5.15 -6.56 -2.95
CA GLY A 101 -3.98 -5.95 -3.64
C GLY A 101 -2.78 -5.95 -2.68
N LEU A 102 -2.87 -5.30 -1.52
CA LEU A 102 -1.69 -5.29 -0.58
C LEU A 102 -1.22 -6.75 -0.35
N ARG A 103 -2.15 -7.64 -0.22
CA ARG A 103 -1.80 -9.08 0.01
C ARG A 103 -0.97 -9.68 -1.16
N SER A 104 -1.47 -9.51 -2.36
CA SER A 104 -0.75 -10.04 -3.55
C SER A 104 0.60 -9.36 -3.54
N LEU A 105 0.62 -8.12 -3.18
CA LEU A 105 1.87 -7.36 -3.14
C LEU A 105 2.83 -8.14 -2.22
N THR A 106 2.43 -8.31 -0.99
CA THR A 106 3.26 -9.05 0.01
C THR A 106 3.77 -10.32 -0.69
N THR A 107 2.87 -11.17 -1.12
CA THR A 107 3.33 -12.42 -1.82
C THR A 107 4.18 -12.20 -3.10
N LEU A 108 3.94 -11.11 -3.78
CA LEU A 108 4.66 -10.74 -5.04
C LEU A 108 6.14 -10.45 -4.82
N LEU A 109 6.35 -9.63 -3.83
CA LEU A 109 7.72 -9.21 -3.44
C LEU A 109 8.45 -10.49 -3.03
N ARG A 110 7.74 -11.34 -2.34
CA ARG A 110 8.37 -12.61 -1.90
C ARG A 110 8.54 -13.49 -3.17
N ALA A 111 7.64 -13.27 -4.11
CA ALA A 111 7.64 -14.03 -5.41
C ALA A 111 8.87 -13.80 -6.28
N LEU A 112 9.44 -12.62 -6.32
CA LEU A 112 10.64 -12.51 -7.22
C LEU A 112 11.80 -13.36 -6.68
N GLY A 113 11.68 -13.64 -5.41
CA GLY A 113 12.70 -14.46 -4.68
C GLY A 113 14.14 -13.87 -4.76
N ALA A 114 14.27 -12.76 -5.44
CA ALA A 114 15.54 -12.04 -5.65
C ALA A 114 16.00 -11.41 -4.32
N GLN A 115 16.81 -10.38 -4.42
CA GLN A 115 17.31 -9.69 -3.20
C GLN A 115 16.07 -9.13 -2.49
N LYS A 116 15.95 -9.47 -1.23
CA LYS A 116 14.82 -9.05 -0.38
C LYS A 116 15.21 -9.20 1.09
N GLU A 117 15.81 -10.35 1.39
CA GLU A 117 16.30 -10.77 2.74
C GLU A 117 15.45 -10.08 3.78
N ALA A 118 14.18 -10.27 3.52
CA ALA A 118 13.12 -9.71 4.36
C ALA A 118 12.88 -10.37 5.68
N ILE A 119 13.88 -11.08 6.05
CA ILE A 119 13.86 -11.80 7.28
C ILE A 119 14.19 -10.89 8.44
N SER A 120 13.25 -10.89 9.33
CA SER A 120 13.26 -10.12 10.57
C SER A 120 12.16 -10.73 11.50
N PRO A 121 12.15 -10.31 12.75
CA PRO A 121 11.17 -10.78 13.78
C PRO A 121 9.71 -10.48 13.31
N PRO A 122 8.71 -10.88 14.07
CA PRO A 122 7.29 -10.63 13.71
C PRO A 122 7.08 -9.15 13.38
N ASP A 123 7.84 -8.33 14.08
CA ASP A 123 7.78 -6.86 13.92
C ASP A 123 8.50 -6.50 12.63
N ALA A 124 8.31 -5.26 12.30
CA ALA A 124 8.94 -4.71 11.07
C ALA A 124 8.73 -3.22 10.92
N ALA A 125 7.93 -2.76 11.80
CA ALA A 125 7.58 -1.30 11.86
C ALA A 125 6.43 -1.10 12.76
N SER A 126 5.75 -2.19 12.96
CA SER A 126 4.57 -2.14 13.86
C SER A 126 4.95 -1.94 15.32
N ALA A 127 6.11 -1.34 15.49
CA ALA A 127 6.59 -1.10 16.88
C ALA A 127 7.78 -0.16 17.13
N ALA A 128 7.88 0.83 16.29
CA ALA A 128 8.99 1.83 16.43
C ALA A 128 8.83 3.05 15.51
N PRO A 129 8.88 2.84 14.20
CA PRO A 129 8.74 3.94 13.22
C PRO A 129 7.55 4.87 13.42
N LEU A 130 6.54 4.37 12.81
CA LEU A 130 5.16 4.95 12.75
C LEU A 130 5.15 6.48 12.70
N ARG A 131 6.10 6.95 11.92
CA ARG A 131 6.31 8.41 11.68
C ARG A 131 5.31 9.00 10.68
N THR A 132 4.25 8.29 10.63
CA THR A 132 3.09 8.59 9.75
C THR A 132 2.10 9.51 10.49
N ILE A 133 1.25 10.16 9.73
CA ILE A 133 0.22 11.09 10.35
C ILE A 133 -1.05 10.31 10.49
N THR A 134 -1.77 10.77 11.44
CA THR A 134 -3.08 10.21 11.85
C THR A 134 -4.09 10.60 10.75
N ALA A 135 -5.12 9.79 10.75
CA ALA A 135 -6.28 9.90 9.81
C ALA A 135 -7.67 9.75 10.47
N ASP A 136 -8.53 10.71 10.27
CA ASP A 136 -9.89 10.60 10.88
C ASP A 136 -10.89 10.40 9.73
N THR A 137 -10.40 9.96 8.59
CA THR A 137 -11.26 9.72 7.38
C THR A 137 -10.63 8.74 6.39
N PHE A 138 -11.49 7.99 5.74
CA PHE A 138 -11.07 6.96 4.73
C PHE A 138 -10.53 7.65 3.51
N ARG A 139 -11.04 8.82 3.27
CA ARG A 139 -10.57 9.55 2.08
C ARG A 139 -9.06 9.40 2.07
N LYS A 140 -8.48 9.38 3.25
CA LYS A 140 -6.99 9.23 3.27
C LYS A 140 -6.52 7.88 2.80
N LEU A 141 -6.86 6.84 3.48
CA LEU A 141 -6.40 5.48 3.06
C LEU A 141 -6.45 5.24 1.54
N PHE A 142 -7.58 5.47 0.93
CA PHE A 142 -7.69 5.26 -0.54
C PHE A 142 -6.77 6.20 -1.37
N ARG A 143 -6.76 7.47 -1.04
CA ARG A 143 -5.91 8.47 -1.75
C ARG A 143 -4.45 8.04 -1.59
N VAL A 144 -4.17 7.65 -0.37
CA VAL A 144 -2.82 7.18 0.02
C VAL A 144 -2.61 5.98 -0.87
N TYR A 145 -3.48 5.00 -0.83
CA TYR A 145 -3.31 3.80 -1.69
C TYR A 145 -3.10 4.17 -3.18
N SER A 146 -3.30 5.41 -3.54
CA SER A 146 -3.13 5.87 -4.95
C SER A 146 -1.66 6.37 -4.98
N ASN A 147 -1.33 7.28 -4.10
CA ASN A 147 0.06 7.83 -4.03
C ASN A 147 1.22 6.87 -3.55
N PHE A 148 0.89 6.07 -2.56
CA PHE A 148 1.79 5.06 -1.92
C PHE A 148 2.53 4.19 -2.94
N LEU A 149 1.75 3.49 -3.73
CA LEU A 149 2.30 2.59 -4.78
C LEU A 149 3.15 3.46 -5.74
N ARG A 150 2.71 4.64 -6.07
CA ARG A 150 3.53 5.49 -7.00
C ARG A 150 4.92 5.78 -6.38
N GLY A 151 4.97 5.64 -5.09
CA GLY A 151 6.22 5.89 -4.32
C GLY A 151 7.09 4.64 -4.37
N LYS A 152 7.06 3.92 -3.29
CA LYS A 152 7.84 2.65 -3.12
C LYS A 152 7.67 1.63 -4.25
N LEU A 153 6.48 1.51 -4.76
CA LEU A 153 6.26 0.54 -5.87
C LEU A 153 7.19 0.96 -6.99
N LYS A 154 7.13 2.21 -7.38
CA LYS A 154 8.03 2.67 -8.48
C LYS A 154 9.47 2.28 -8.14
N LEU A 155 9.93 2.68 -6.98
CA LEU A 155 11.34 2.36 -6.54
C LEU A 155 11.69 0.87 -6.61
N TYR A 156 10.86 0.08 -5.96
CA TYR A 156 11.08 -1.39 -5.94
C TYR A 156 11.11 -1.86 -7.39
N THR A 157 10.07 -1.54 -8.11
CA THR A 157 9.95 -1.92 -9.55
C THR A 157 11.21 -1.50 -10.28
N GLY A 158 11.75 -0.34 -9.99
CA GLY A 158 12.98 0.11 -10.70
C GLY A 158 14.04 -0.98 -10.57
N GLU A 159 14.17 -1.45 -9.37
CA GLU A 159 15.16 -2.53 -9.04
C GLU A 159 14.70 -3.90 -9.57
N ALA A 160 13.41 -4.10 -9.55
CA ALA A 160 12.79 -5.37 -10.02
C ALA A 160 13.24 -5.51 -11.47
N CYS A 161 13.07 -4.44 -12.20
CA CYS A 161 13.46 -4.40 -13.64
C CYS A 161 14.97 -4.30 -13.88
N ARG A 162 15.53 -3.25 -13.32
CA ARG A 162 16.98 -2.86 -13.36
C ARG A 162 17.68 -3.14 -14.70
N THR A 163 16.86 -3.05 -15.71
CA THR A 163 17.26 -3.28 -17.12
C THR A 163 16.43 -2.53 -18.10
N GLY A 164 15.23 -2.23 -17.70
CA GLY A 164 14.40 -1.50 -18.66
C GLY A 164 14.31 -2.26 -19.99
N ASP A 165 14.89 -1.65 -21.00
CA ASP A 165 14.92 -2.18 -22.36
C ASP A 165 16.26 -1.82 -23.05
N ARG A 166 17.34 -2.15 -22.38
CA ARG A 166 18.71 -1.85 -22.91
C ARG A 166 19.07 -2.94 -23.95
#